data_3KZN
#
_entry.id   3KZN
#
_cell.length_a   130.198
_cell.length_b   130.198
_cell.length_c   130.198
_cell.angle_alpha   90.000
_cell.angle_beta   90.000
_cell.angle_gamma   90.000
#
_symmetry.space_group_name_H-M   'I 21 3'
#
loop_
_entity.id
_entity.type
_entity.pdbx_description
1 polymer 'N-acetylornithine carbamoyltransferase'
2 non-polymer N~2~-ACETYL-L-ORNITHINE
3 non-polymer GLYCEROL
4 non-polymer 'SULFATE ION'
5 water water
#
_entity_poly.entity_id   1
_entity_poly.type   'polypeptide(L)'
_entity_poly.pdbx_seq_one_letter_code
;MGSSHHHHHHSSGLVPRGSHMSLKHFLNTQDWSRAELDALLTQAALFKRNKLGSELKGKSIALVFFNPSMRTRTSFELGA
FQLGGHAVVLQPGKDAWPIEFNLGTVMDGDTEEHIAEVARVLGRYVDLIGVRAFPKFVDWSKDREDQVLKSFAKYSPVPV
INMETITHPCQELAHALALQEHFGTPDLRGKKYVLTWTYHPKPLNTAVANSALTIATRMGMDVTLLCPTPDYILDERYMD
WAAQNVAESGGSLQVSHDIDSAYAGADVVYAKSWGALPFFGNWEPEKPIRDQYQHFIVDERKMALTNNGVFSHCLPLRRN
V(KCX)ATDAVMDSPNCIAIDEAENRLHVQKAIMAALVGQSRP
;
_entity_poly.pdbx_strand_id   A
#
# COMPACT_ATOMS: atom_id res chain seq x y z
N LEU A 23 -12.20 3.22 19.57
CA LEU A 23 -12.43 3.64 18.16
C LEU A 23 -11.62 2.77 17.21
N LYS A 24 -12.24 2.33 16.11
CA LYS A 24 -11.56 1.49 15.14
C LYS A 24 -11.05 2.30 13.95
N HIS A 25 -9.81 2.06 13.55
CA HIS A 25 -9.19 2.77 12.42
C HIS A 25 -8.76 1.76 11.37
N PHE A 26 -8.43 2.23 10.17
CA PHE A 26 -7.91 1.32 9.16
C PHE A 26 -6.50 1.81 8.86
N LEU A 27 -5.56 1.43 9.73
CA LEU A 27 -4.17 1.85 9.59
C LEU A 27 -3.35 0.78 8.90
N ASN A 28 -3.68 -0.48 9.18
CA ASN A 28 -3.00 -1.63 8.59
C ASN A 28 -3.91 -2.84 8.61
N THR A 29 -3.76 -3.71 7.63
CA THR A 29 -4.59 -4.92 7.59
C THR A 29 -4.17 -5.83 8.74
N GLN A 30 -2.90 -5.73 9.12
CA GLN A 30 -2.37 -6.57 10.21
C GLN A 30 -3.13 -6.35 11.52
N ASP A 31 -3.75 -5.18 11.69
CA ASP A 31 -4.51 -4.88 12.91
C ASP A 31 -5.91 -5.49 12.90
N TRP A 32 -6.36 -5.94 11.73
CA TRP A 32 -7.68 -6.52 11.60
C TRP A 32 -7.61 -8.04 11.57
N SER A 33 -8.67 -8.70 12.04
CA SER A 33 -8.72 -10.15 12.03
C SER A 33 -8.98 -10.62 10.60
N ARG A 34 -8.74 -11.92 10.35
CA ARG A 34 -8.96 -12.47 9.03
C ARG A 34 -10.45 -12.38 8.67
N ALA A 35 -11.30 -12.60 9.66
CA ALA A 35 -12.74 -12.53 9.44
C ALA A 35 -13.14 -11.11 9.02
N GLU A 36 -12.57 -10.11 9.68
CA GLU A 36 -12.87 -8.71 9.37
C GLU A 36 -12.40 -8.35 7.97
N LEU A 37 -11.19 -8.79 7.62
CA LEU A 37 -10.66 -8.51 6.29
C LEU A 37 -11.54 -9.20 5.24
N ASP A 38 -11.90 -10.45 5.50
CA ASP A 38 -12.74 -11.19 4.56
C ASP A 38 -14.05 -10.45 4.34
N ALA A 39 -14.57 -9.84 5.42
CA ALA A 39 -15.82 -9.09 5.33
C ALA A 39 -15.64 -7.86 4.45
N LEU A 40 -14.50 -7.18 4.60
CA LEU A 40 -14.21 -5.99 3.80
C LEU A 40 -14.13 -6.36 2.32
N LEU A 41 -13.40 -7.42 2.01
CA LEU A 41 -13.25 -7.84 0.62
C LEU A 41 -14.60 -8.23 0.03
N THR A 42 -15.44 -8.88 0.82
CA THR A 42 -16.77 -9.28 0.32
C THR A 42 -17.66 -8.06 0.12
N GLN A 43 -17.54 -7.07 1.01
CA GLN A 43 -18.34 -5.87 0.86
C GLN A 43 -17.84 -5.14 -0.39
N ALA A 44 -16.53 -5.20 -0.63
CA ALA A 44 -15.95 -4.56 -1.81
C ALA A 44 -16.55 -5.19 -3.07
N ALA A 45 -16.69 -6.52 -3.05
CA ALA A 45 -17.25 -7.24 -4.18
C ALA A 45 -18.70 -6.83 -4.40
N LEU A 46 -19.42 -6.58 -3.32
CA LEU A 46 -20.83 -6.17 -3.40
C LEU A 46 -20.95 -4.77 -4.00
N PHE A 47 -20.07 -3.86 -3.58
CA PHE A 47 -20.09 -2.50 -4.12
C PHE A 47 -19.76 -2.50 -5.61
N LYS A 48 -18.94 -3.46 -6.03
CA LYS A 48 -18.56 -3.56 -7.44
C LYS A 48 -19.77 -3.98 -8.27
N ARG A 49 -20.69 -4.73 -7.65
CA ARG A 49 -21.89 -5.16 -8.35
C ARG A 49 -23.02 -4.12 -8.27
N ASN A 50 -22.93 -3.22 -7.29
CA ASN A 50 -23.92 -2.17 -7.11
C ASN A 50 -23.19 -0.98 -6.48
N LYS A 51 -22.65 -0.12 -7.32
CA LYS A 51 -21.85 1.00 -6.83
C LYS A 51 -22.55 2.18 -6.16
N LEU A 52 -23.82 2.41 -6.46
CA LEU A 52 -24.51 3.53 -5.83
C LEU A 52 -25.26 3.06 -4.57
N GLY A 53 -25.16 3.85 -3.50
CA GLY A 53 -25.83 3.49 -2.26
C GLY A 53 -25.94 4.66 -1.30
N SER A 54 -26.36 4.41 -0.06
CA SER A 54 -26.50 5.48 0.91
C SER A 54 -25.73 5.23 2.20
N GLU A 55 -24.76 4.32 2.15
CA GLU A 55 -23.96 4.00 3.34
C GLU A 55 -23.23 5.20 3.94
N LEU A 56 -23.02 6.24 3.14
CA LEU A 56 -22.34 7.44 3.62
C LEU A 56 -23.22 8.68 3.44
N LYS A 57 -24.53 8.47 3.37
CA LYS A 57 -25.46 9.58 3.16
C LYS A 57 -25.30 10.71 4.19
N GLY A 58 -24.92 11.87 3.70
CA GLY A 58 -24.73 13.03 4.56
C GLY A 58 -23.45 13.02 5.37
N LYS A 59 -22.63 11.98 5.17
CA LYS A 59 -21.35 11.84 5.86
C LYS A 59 -20.22 12.42 5.02
N SER A 60 -19.07 12.65 5.65
CA SER A 60 -17.94 13.22 4.91
C SER A 60 -16.60 12.68 5.39
N ILE A 61 -15.61 12.77 4.50
CA ILE A 61 -14.26 12.34 4.83
C ILE A 61 -13.28 13.42 4.39
N ALA A 62 -12.29 13.69 5.22
CA ALA A 62 -11.27 14.67 4.88
C ALA A 62 -10.09 13.87 4.34
N LEU A 63 -9.73 14.12 3.09
CA LEU A 63 -8.61 13.44 2.45
C LEU A 63 -7.41 14.35 2.64
N VAL A 64 -6.55 14.03 3.61
CA VAL A 64 -5.39 14.84 3.90
C VAL A 64 -4.14 14.34 3.20
N PHE A 65 -3.74 15.06 2.15
CA PHE A 65 -2.57 14.71 1.36
C PHE A 65 -1.31 15.49 1.69
N PHE A 66 -0.37 14.86 2.40
CA PHE A 66 0.89 15.54 2.68
C PHE A 66 1.75 15.36 1.43
N ASN A 67 1.36 14.37 0.63
CA ASN A 67 2.00 14.07 -0.66
C ASN A 67 0.80 13.84 -1.59
N PRO A 68 0.81 14.44 -2.80
CA PRO A 68 -0.28 14.31 -3.76
C PRO A 68 -0.40 12.94 -4.45
N SER A 69 -1.62 12.61 -4.86
CA SER A 69 -1.90 11.37 -5.58
C SER A 69 -3.22 11.52 -6.34
N MET A 70 -3.16 11.61 -7.66
CA MET A 70 -4.38 11.75 -8.45
C MET A 70 -5.29 10.52 -8.35
N ARG A 71 -4.71 9.32 -8.38
CA ARG A 71 -5.52 8.10 -8.32
C ARG A 71 -6.21 7.93 -6.97
N THR A 72 -5.54 8.33 -5.89
CA THR A 72 -6.12 8.21 -4.56
C THR A 72 -7.20 9.27 -4.34
N ARG A 73 -6.96 10.49 -4.79
CA ARG A 73 -7.95 11.55 -4.66
C ARG A 73 -9.18 11.16 -5.47
N THR A 74 -8.97 10.70 -6.70
CA THR A 74 -10.09 10.33 -7.56
C THR A 74 -10.93 9.19 -7.00
N SER A 75 -10.29 8.11 -6.61
CA SER A 75 -11.03 6.96 -6.10
C SER A 75 -11.78 7.25 -4.79
N PHE A 76 -11.13 7.90 -3.82
CA PHE A 76 -11.81 8.22 -2.57
C PHE A 76 -12.93 9.22 -2.79
N GLU A 77 -12.66 10.28 -3.54
CA GLU A 77 -13.66 11.31 -3.80
C GLU A 77 -14.91 10.72 -4.45
N LEU A 78 -14.72 9.88 -5.46
CA LEU A 78 -15.86 9.25 -6.13
C LEU A 78 -16.56 8.25 -5.21
N GLY A 79 -15.76 7.53 -4.43
CA GLY A 79 -16.33 6.55 -3.52
C GLY A 79 -17.27 7.22 -2.52
N ALA A 80 -16.88 8.38 -2.02
CA ALA A 80 -17.72 9.11 -1.08
C ALA A 80 -19.01 9.56 -1.79
N PHE A 81 -18.83 10.14 -2.96
CA PHE A 81 -19.96 10.62 -3.76
C PHE A 81 -20.98 9.52 -4.07
N GLN A 82 -20.50 8.37 -4.51
CA GLN A 82 -21.38 7.25 -4.88
C GLN A 82 -22.20 6.68 -3.73
N LEU A 83 -21.74 6.88 -2.50
CA LEU A 83 -22.47 6.38 -1.33
C LEU A 83 -23.23 7.49 -0.62
N GLY A 84 -23.37 8.63 -1.29
CA GLY A 84 -24.13 9.73 -0.72
C GLY A 84 -23.37 10.67 0.20
N GLY A 85 -22.05 10.51 0.26
CA GLY A 85 -21.24 11.36 1.12
C GLY A 85 -20.47 12.39 0.32
N HIS A 86 -19.50 13.02 0.98
CA HIS A 86 -18.69 14.06 0.34
C HIS A 86 -17.26 14.05 0.87
N ALA A 87 -16.29 14.15 -0.03
CA ALA A 87 -14.89 14.17 0.36
C ALA A 87 -14.35 15.59 0.24
N VAL A 88 -13.60 16.01 1.25
CA VAL A 88 -12.97 17.33 1.24
C VAL A 88 -11.49 17.08 1.03
N VAL A 89 -10.93 17.61 -0.05
CA VAL A 89 -9.52 17.42 -0.36
C VAL A 89 -8.64 18.51 0.23
N LEU A 90 -7.72 18.11 1.12
CA LEU A 90 -6.81 19.04 1.76
C LEU A 90 -5.36 18.70 1.45
N GLN A 91 -4.54 19.71 1.23
CA GLN A 91 -3.12 19.51 0.90
C GLN A 91 -2.23 20.42 1.76
N PRO A 92 -1.95 20.01 3.00
CA PRO A 92 -1.14 20.71 3.99
C PRO A 92 0.16 21.34 3.50
N GLY A 93 0.85 20.67 2.59
CA GLY A 93 2.10 21.20 2.09
C GLY A 93 1.94 22.40 1.19
N LYS A 94 0.74 22.58 0.63
CA LYS A 94 0.48 23.69 -0.28
C LYS A 94 -0.54 24.71 0.23
N ASP A 95 -1.38 24.31 1.17
CA ASP A 95 -2.41 25.20 1.68
C ASP A 95 -2.23 25.71 3.10
N ALA A 96 -1.11 25.38 3.73
CA ALA A 96 -0.86 25.83 5.09
C ALA A 96 0.60 25.68 5.51
N TRP A 97 0.95 26.36 6.60
CA TRP A 97 2.30 26.30 7.13
C TRP A 97 2.48 24.89 7.71
N PRO A 98 3.73 24.47 7.94
CA PRO A 98 3.99 23.14 8.49
C PRO A 98 3.29 22.86 9.82
N ILE A 99 2.94 21.59 10.03
CA ILE A 99 2.27 21.16 11.25
C ILE A 99 3.27 20.52 12.21
N GLU A 100 3.11 20.80 13.50
CA GLU A 100 4.01 20.25 14.51
C GLU A 100 3.48 18.93 15.05
N PHE A 101 4.32 17.90 15.02
CA PHE A 101 3.93 16.59 15.52
C PHE A 101 4.64 16.22 16.82
N ASN A 102 5.80 16.82 17.05
CA ASN A 102 6.56 16.52 18.27
C ASN A 102 5.84 17.05 19.51
N LEU A 103 6.15 16.46 20.66
CA LEU A 103 5.52 16.85 21.91
C LEU A 103 6.41 17.71 22.80
N GLY A 104 5.77 18.45 23.68
CA GLY A 104 6.48 19.31 24.62
C GLY A 104 7.49 20.28 24.04
N THR A 105 7.23 20.82 22.86
CA THR A 105 8.17 21.77 22.27
C THR A 105 7.64 23.19 22.37
N VAL A 106 8.52 24.15 22.14
CA VAL A 106 8.16 25.55 22.13
C VAL A 106 8.04 25.83 20.63
N MET A 107 6.83 26.06 20.16
CA MET A 107 6.61 26.29 18.74
C MET A 107 6.98 27.69 18.25
N ASP A 108 8.26 28.02 18.32
CA ASP A 108 8.74 29.31 17.86
C ASP A 108 9.57 29.14 16.59
N GLY A 109 9.29 28.06 15.87
CA GLY A 109 9.99 27.77 14.63
C GLY A 109 9.13 27.87 13.38
N ASP A 110 9.28 26.89 12.50
CA ASP A 110 8.53 26.86 11.24
C ASP A 110 7.09 26.41 11.37
N THR A 111 6.80 25.53 12.32
CA THR A 111 5.45 25.01 12.51
C THR A 111 4.50 26.04 13.14
N GLU A 112 3.30 26.15 12.57
CA GLU A 112 2.29 27.10 13.03
C GLU A 112 1.18 26.50 13.88
N GLU A 113 0.90 25.22 13.69
CA GLU A 113 -0.17 24.55 14.43
C GLU A 113 0.22 23.13 14.81
N HIS A 114 -0.26 22.67 15.96
CA HIS A 114 0.03 21.32 16.43
C HIS A 114 -1.00 20.32 15.91
N ILE A 115 -0.56 19.08 15.66
CA ILE A 115 -1.45 18.04 15.15
C ILE A 115 -2.65 17.79 16.07
N ALA A 116 -2.49 18.01 17.36
CA ALA A 116 -3.59 17.80 18.30
C ALA A 116 -4.77 18.70 17.90
N GLU A 117 -4.47 19.95 17.59
CA GLU A 117 -5.53 20.89 17.19
C GLU A 117 -6.06 20.57 15.79
N VAL A 118 -5.17 20.18 14.89
CA VAL A 118 -5.60 19.84 13.54
C VAL A 118 -6.60 18.69 13.55
N ALA A 119 -6.26 17.62 14.25
CA ALA A 119 -7.13 16.44 14.31
C ALA A 119 -8.42 16.68 15.10
N ARG A 120 -8.33 17.40 16.20
CA ARG A 120 -9.51 17.67 17.03
C ARG A 120 -10.52 18.54 16.28
N VAL A 121 -10.04 19.54 15.55
CA VAL A 121 -10.94 20.39 14.78
C VAL A 121 -11.53 19.63 13.61
N LEU A 122 -10.70 18.93 12.83
CA LEU A 122 -11.23 18.16 11.70
C LEU A 122 -12.30 17.18 12.19
N GLY A 123 -12.07 16.63 13.38
CA GLY A 123 -13.01 15.69 13.96
C GLY A 123 -14.38 16.30 14.29
N ARG A 124 -14.45 17.63 14.34
CA ARG A 124 -15.72 18.31 14.61
C ARG A 124 -16.43 18.59 13.30
N TYR A 125 -15.71 18.44 12.17
CA TYR A 125 -16.27 18.70 10.86
C TYR A 125 -16.62 17.43 10.07
N VAL A 126 -15.65 16.54 9.94
CA VAL A 126 -15.85 15.30 9.17
C VAL A 126 -16.07 14.04 9.99
N ASP A 127 -16.53 12.98 9.32
CA ASP A 127 -16.81 11.70 9.97
C ASP A 127 -15.66 10.72 9.83
N LEU A 128 -14.74 11.01 8.89
CA LEU A 128 -13.59 10.16 8.62
C LEU A 128 -12.42 11.03 8.18
N ILE A 129 -11.20 10.57 8.43
CA ILE A 129 -9.99 11.29 8.01
C ILE A 129 -9.01 10.34 7.33
N GLY A 130 -8.68 10.62 6.08
CA GLY A 130 -7.73 9.82 5.33
C GLY A 130 -6.39 10.55 5.41
N VAL A 131 -5.29 9.81 5.52
CA VAL A 131 -3.98 10.42 5.62
C VAL A 131 -2.93 9.77 4.72
N ARG A 132 -2.27 10.59 3.90
CA ARG A 132 -1.21 10.11 3.02
C ARG A 132 0.02 10.94 3.36
N ALA A 133 1.09 10.27 3.77
CA ALA A 133 2.31 10.97 4.15
C ALA A 133 3.50 10.03 3.96
N PHE A 134 4.35 10.37 3.01
CA PHE A 134 5.52 9.56 2.69
C PHE A 134 6.72 9.79 3.60
N PRO A 135 7.63 8.80 3.65
CA PRO A 135 8.82 8.97 4.49
C PRO A 135 9.63 10.12 3.87
N LYS A 136 10.58 10.67 4.62
CA LYS A 136 11.39 11.77 4.11
C LYS A 136 12.71 11.29 3.49
N PHE A 137 12.99 10.00 3.66
CA PHE A 137 14.17 9.33 3.12
C PHE A 137 15.53 9.80 3.65
N VAL A 138 15.54 10.44 4.81
CA VAL A 138 16.80 10.90 5.40
C VAL A 138 17.23 9.96 6.51
N ASP A 139 16.26 9.46 7.26
CA ASP A 139 16.51 8.56 8.39
C ASP A 139 15.36 7.58 8.56
N TRP A 140 15.58 6.31 8.24
CA TRP A 140 14.53 5.30 8.36
C TRP A 140 14.07 5.07 9.81
N SER A 141 14.94 5.31 10.78
CA SER A 141 14.55 5.12 12.18
C SER A 141 13.44 6.10 12.52
N LYS A 142 13.40 7.22 11.83
CA LYS A 142 12.35 8.21 12.05
C LYS A 142 11.15 7.92 11.17
N ASP A 143 11.38 7.65 9.89
CA ASP A 143 10.27 7.36 8.99
C ASP A 143 9.48 6.12 9.43
N ARG A 144 10.17 5.09 9.90
CA ARG A 144 9.48 3.85 10.29
C ARG A 144 8.54 3.99 11.48
N GLU A 145 8.59 5.12 12.20
CA GLU A 145 7.71 5.31 13.33
C GLU A 145 6.30 5.73 12.93
N ASP A 146 6.10 6.03 11.65
CA ASP A 146 4.78 6.38 11.14
C ASP A 146 4.15 7.50 11.99
N GLN A 147 4.96 8.51 12.34
CA GLN A 147 4.52 9.61 13.20
C GLN A 147 3.27 10.37 12.77
N VAL A 148 3.19 10.74 11.49
CA VAL A 148 2.03 11.47 11.01
C VAL A 148 0.74 10.68 11.19
N LEU A 149 0.72 9.46 10.65
CA LEU A 149 -0.46 8.61 10.76
C LEU A 149 -0.82 8.29 12.21
N LYS A 150 0.18 7.92 13.02
CA LYS A 150 -0.08 7.59 14.41
C LYS A 150 -0.60 8.77 15.21
N SER A 151 -0.15 9.98 14.85
CA SER A 151 -0.60 11.18 15.54
C SER A 151 -2.07 11.45 15.23
N PHE A 152 -2.46 11.28 13.97
CA PHE A 152 -3.85 11.48 13.62
C PHE A 152 -4.70 10.46 14.38
N ALA A 153 -4.25 9.21 14.39
CA ALA A 153 -4.99 8.15 15.08
C ALA A 153 -5.13 8.44 16.57
N LYS A 154 -4.09 9.04 17.15
CA LYS A 154 -4.10 9.36 18.57
C LYS A 154 -5.04 10.50 18.96
N TYR A 155 -5.01 11.58 18.19
CA TYR A 155 -5.80 12.77 18.48
C TYR A 155 -7.19 12.89 17.83
N SER A 156 -7.42 12.18 16.75
CA SER A 156 -8.71 12.24 16.05
C SER A 156 -9.86 11.55 16.79
N PRO A 157 -11.01 12.22 16.89
CA PRO A 157 -12.16 11.62 17.56
C PRO A 157 -12.97 10.76 16.57
N VAL A 158 -12.51 10.72 15.33
CA VAL A 158 -13.16 9.94 14.26
C VAL A 158 -12.15 8.98 13.61
N PRO A 159 -12.66 7.91 12.98
CA PRO A 159 -11.79 6.91 12.32
C PRO A 159 -10.83 7.48 11.29
N VAL A 160 -9.60 6.98 11.34
CA VAL A 160 -8.53 7.40 10.43
C VAL A 160 -8.21 6.28 9.45
N ILE A 161 -7.96 6.65 8.19
CA ILE A 161 -7.64 5.71 7.14
C ILE A 161 -6.28 6.01 6.52
N ASN A 162 -5.43 5.00 6.45
CA ASN A 162 -4.10 5.10 5.87
C ASN A 162 -4.20 5.13 4.33
N MET A 163 -3.89 6.28 3.72
CA MET A 163 -3.94 6.44 2.25
C MET A 163 -2.53 6.31 1.65
N GLU A 164 -1.67 5.65 2.42
CA GLU A 164 -0.26 5.35 2.16
C GLU A 164 0.74 6.20 2.94
N THR A 165 1.51 5.52 3.78
CA THR A 165 2.56 6.15 4.57
C THR A 165 3.75 5.21 4.39
N ILE A 166 3.97 4.28 5.33
CA ILE A 166 5.06 3.33 5.17
C ILE A 166 4.49 1.93 4.82
N THR A 167 3.17 1.89 4.68
CA THR A 167 2.44 0.69 4.25
C THR A 167 1.31 1.25 3.40
N HIS A 168 0.66 0.40 2.61
CA HIS A 168 -0.41 0.83 1.71
C HIS A 168 -1.53 -0.21 1.78
N PRO A 169 -2.22 -0.31 2.94
CA PRO A 169 -3.30 -1.26 3.15
C PRO A 169 -4.47 -1.20 2.16
N CYS A 170 -4.76 -0.01 1.63
CA CYS A 170 -5.83 0.09 0.65
C CYS A 170 -5.39 -0.63 -0.63
N GLN A 171 -4.11 -0.52 -0.95
CA GLN A 171 -3.58 -1.18 -2.14
C GLN A 171 -3.61 -2.69 -1.90
N GLU A 172 -3.31 -3.10 -0.66
CA GLU A 172 -3.31 -4.52 -0.32
C GLU A 172 -4.64 -5.18 -0.66
N LEU A 173 -5.74 -4.55 -0.24
CA LEU A 173 -7.04 -5.14 -0.49
C LEU A 173 -7.45 -5.06 -1.96
N ALA A 174 -7.08 -4.00 -2.66
CA ALA A 174 -7.42 -3.89 -4.08
C ALA A 174 -6.69 -5.02 -4.82
N HIS A 175 -5.45 -5.26 -4.41
CA HIS A 175 -4.60 -6.30 -4.97
C HIS A 175 -5.18 -7.68 -4.64
N ALA A 176 -5.49 -7.90 -3.37
CA ALA A 176 -6.07 -9.17 -2.93
C ALA A 176 -7.35 -9.48 -3.71
N LEU A 177 -8.21 -8.49 -3.85
CA LEU A 177 -9.46 -8.69 -4.57
C LEU A 177 -9.21 -9.05 -6.04
N ALA A 178 -8.28 -8.33 -6.67
CA ALA A 178 -7.97 -8.61 -8.07
C ALA A 178 -7.50 -10.06 -8.26
N LEU A 179 -6.66 -10.54 -7.33
CA LEU A 179 -6.16 -11.91 -7.42
C LEU A 179 -7.28 -12.91 -7.24
N GLN A 180 -8.15 -12.68 -6.27
CA GLN A 180 -9.26 -13.60 -6.05
C GLN A 180 -10.14 -13.64 -7.29
N GLU A 181 -10.37 -12.47 -7.90
CA GLU A 181 -11.20 -12.41 -9.09
C GLU A 181 -10.53 -13.13 -10.24
N HIS A 182 -9.22 -12.96 -10.38
CA HIS A 182 -8.49 -13.61 -11.45
C HIS A 182 -8.53 -15.14 -11.33
N PHE A 183 -8.31 -15.65 -10.12
CA PHE A 183 -8.31 -17.10 -9.91
C PHE A 183 -9.71 -17.70 -9.71
N GLY A 184 -10.71 -16.84 -9.59
CA GLY A 184 -12.07 -17.32 -9.42
C GLY A 184 -12.38 -17.92 -8.06
N THR A 185 -11.60 -17.55 -7.05
CA THR A 185 -11.79 -18.07 -5.70
C THR A 185 -11.14 -17.18 -4.65
N PRO A 186 -11.75 -17.09 -3.47
CA PRO A 186 -11.19 -16.25 -2.40
C PRO A 186 -10.04 -16.97 -1.70
N ASP A 187 -9.96 -18.28 -1.91
CA ASP A 187 -8.93 -19.12 -1.30
C ASP A 187 -7.70 -19.24 -2.18
N LEU A 188 -6.64 -18.50 -1.84
CA LEU A 188 -5.41 -18.51 -2.62
C LEU A 188 -4.29 -19.32 -1.97
N ARG A 189 -4.61 -20.08 -0.92
CA ARG A 189 -3.58 -20.87 -0.26
C ARG A 189 -2.88 -21.81 -1.25
N GLY A 190 -1.58 -21.95 -1.10
CA GLY A 190 -0.83 -22.83 -1.99
C GLY A 190 -0.22 -22.16 -3.21
N LYS A 191 -0.86 -21.11 -3.70
CA LYS A 191 -0.35 -20.39 -4.88
C LYS A 191 1.04 -19.83 -4.61
N LYS A 192 1.92 -19.90 -5.60
CA LYS A 192 3.27 -19.37 -5.45
C LYS A 192 3.26 -17.89 -5.77
N TYR A 193 3.58 -17.08 -4.77
CA TYR A 193 3.58 -15.62 -4.91
C TYR A 193 4.98 -15.04 -4.91
N VAL A 194 5.33 -14.33 -5.97
CA VAL A 194 6.65 -13.71 -6.06
C VAL A 194 6.59 -12.19 -5.97
N LEU A 195 7.13 -11.64 -4.88
CA LEU A 195 7.19 -10.19 -4.72
C LEU A 195 8.60 -9.86 -5.18
N THR A 196 8.72 -9.28 -6.36
CA THR A 196 10.02 -8.95 -6.90
C THR A 196 10.39 -7.47 -6.95
N TRP A 197 11.61 -7.17 -6.53
CA TRP A 197 12.13 -5.83 -6.59
C TRP A 197 12.34 -5.60 -8.08
N THR A 198 12.23 -4.37 -8.53
CA THR A 198 12.48 -4.07 -9.93
C THR A 198 13.23 -2.74 -9.94
N TYR A 199 13.84 -2.43 -11.07
CA TYR A 199 14.63 -1.21 -11.20
C TYR A 199 13.86 0.09 -11.38
N HIS A 200 14.48 1.17 -10.89
CA HIS A 200 13.96 2.53 -10.99
C HIS A 200 15.21 3.39 -10.81
N PRO A 201 15.31 4.52 -11.53
CA PRO A 201 16.50 5.35 -11.37
C PRO A 201 16.68 5.95 -9.98
N LYS A 202 15.59 6.04 -9.22
CA LYS A 202 15.64 6.61 -7.88
C LYS A 202 15.17 5.65 -6.79
N PRO A 203 15.62 5.86 -5.54
CA PRO A 203 15.21 5.01 -4.42
C PRO A 203 13.79 5.38 -4.01
N LEU A 204 12.91 4.39 -3.93
CA LEU A 204 11.51 4.64 -3.58
C LEU A 204 11.08 4.08 -2.23
N ASN A 205 9.86 4.44 -1.85
CA ASN A 205 9.23 4.02 -0.60
C ASN A 205 9.04 2.50 -0.61
N THR A 206 9.27 1.85 0.52
CA THR A 206 9.08 0.40 0.61
C THR A 206 7.62 0.04 0.93
N ALA A 207 6.82 1.06 1.23
CA ALA A 207 5.41 0.88 1.58
C ALA A 207 4.63 -0.20 0.83
N VAL A 208 4.59 -0.12 -0.49
CA VAL A 208 3.84 -1.11 -1.26
C VAL A 208 4.41 -2.52 -1.12
N ALA A 209 5.73 -2.63 -1.04
CA ALA A 209 6.35 -3.95 -0.87
C ALA A 209 6.04 -4.50 0.51
N ASN A 210 6.11 -3.64 1.54
CA ASN A 210 5.82 -4.07 2.90
C ASN A 210 4.39 -4.62 2.92
N SER A 211 3.48 -3.90 2.28
CA SER A 211 2.08 -4.30 2.21
C SER A 211 1.84 -5.58 1.41
N ALA A 212 2.52 -5.73 0.28
CA ALA A 212 2.35 -6.92 -0.53
C ALA A 212 2.77 -8.16 0.25
N LEU A 213 3.94 -8.06 0.91
CA LEU A 213 4.45 -9.18 1.69
C LEU A 213 3.44 -9.53 2.77
N THR A 214 2.90 -8.50 3.42
CA THR A 214 1.93 -8.68 4.49
C THR A 214 0.63 -9.37 4.05
N ILE A 215 0.01 -8.87 3.00
CA ILE A 215 -1.24 -9.45 2.54
C ILE A 215 -1.07 -10.80 1.87
N ALA A 216 0.01 -10.98 1.13
CA ALA A 216 0.24 -12.26 0.46
C ALA A 216 0.39 -13.39 1.47
N THR A 217 1.11 -13.14 2.55
CA THR A 217 1.29 -14.15 3.59
C THR A 217 0.02 -14.30 4.41
N ARG A 218 -0.72 -13.21 4.61
CA ARG A 218 -1.96 -13.29 5.38
C ARG A 218 -2.94 -14.19 4.64
N MET A 219 -2.82 -14.23 3.31
CA MET A 219 -3.69 -15.05 2.48
C MET A 219 -3.21 -16.50 2.36
N GLY A 220 -2.10 -16.80 3.03
CA GLY A 220 -1.58 -18.16 3.02
C GLY A 220 -0.84 -18.64 1.78
N MET A 221 -0.34 -17.72 0.96
CA MET A 221 0.39 -18.14 -0.24
C MET A 221 1.84 -18.46 0.10
N ASP A 222 2.53 -19.12 -0.82
CA ASP A 222 3.93 -19.45 -0.63
C ASP A 222 4.69 -18.29 -1.25
N VAL A 223 5.07 -17.34 -0.39
CA VAL A 223 5.74 -16.12 -0.80
C VAL A 223 7.26 -16.13 -0.86
N THR A 224 7.78 -15.54 -1.93
CA THR A 224 9.21 -15.41 -2.12
C THR A 224 9.50 -13.93 -2.34
N LEU A 225 10.37 -13.38 -1.51
CA LEU A 225 10.78 -11.97 -1.65
C LEU A 225 12.04 -11.99 -2.49
N LEU A 226 11.91 -11.59 -3.76
CA LEU A 226 13.04 -11.57 -4.68
C LEU A 226 13.66 -10.19 -4.77
N CYS A 227 14.92 -10.07 -4.36
CA CYS A 227 15.62 -8.79 -4.43
C CYS A 227 17.09 -8.99 -4.78
N PRO A 228 17.74 -7.95 -5.32
CA PRO A 228 19.15 -8.03 -5.71
C PRO A 228 20.17 -8.49 -4.66
N THR A 229 20.11 -7.92 -3.46
CA THR A 229 21.04 -8.28 -2.39
C THR A 229 20.37 -8.21 -1.01
N PRO A 230 21.06 -8.68 0.03
CA PRO A 230 20.50 -8.66 1.39
C PRO A 230 20.18 -7.23 1.85
N ASP A 231 20.81 -6.25 1.22
CA ASP A 231 20.61 -4.84 1.55
C ASP A 231 19.18 -4.40 1.20
N TYR A 232 18.55 -5.13 0.30
CA TYR A 232 17.19 -4.79 -0.14
C TYR A 232 16.08 -5.52 0.60
N ILE A 233 16.44 -6.33 1.59
CA ILE A 233 15.42 -7.04 2.35
C ILE A 233 14.61 -5.98 3.11
N LEU A 234 13.30 -6.19 3.22
CA LEU A 234 12.44 -5.23 3.89
C LEU A 234 12.69 -5.14 5.40
N ASP A 235 12.11 -4.13 6.04
CA ASP A 235 12.28 -3.93 7.48
C ASP A 235 11.86 -5.16 8.27
N GLU A 236 12.59 -5.48 9.34
CA GLU A 236 12.30 -6.64 10.18
C GLU A 236 10.83 -6.70 10.62
N ARG A 237 10.25 -5.53 10.87
CA ARG A 237 8.86 -5.46 11.30
C ARG A 237 7.93 -6.22 10.36
N TYR A 238 8.09 -5.99 9.06
CA TYR A 238 7.25 -6.63 8.06
C TYR A 238 7.66 -8.07 7.78
N MET A 239 8.96 -8.36 7.91
CA MET A 239 9.43 -9.72 7.72
C MET A 239 8.81 -10.56 8.85
N ASP A 240 8.66 -9.96 10.02
CA ASP A 240 8.07 -10.68 11.16
C ASP A 240 6.56 -10.82 10.98
N TRP A 241 5.91 -9.79 10.46
CA TRP A 241 4.48 -9.87 10.23
C TRP A 241 4.24 -11.04 9.29
N ALA A 242 5.04 -11.11 8.23
CA ALA A 242 4.94 -12.15 7.23
C ALA A 242 5.15 -13.53 7.84
N ALA A 243 6.16 -13.66 8.70
CA ALA A 243 6.45 -14.93 9.36
C ALA A 243 5.27 -15.36 10.21
N GLN A 244 4.70 -14.42 10.96
CA GLN A 244 3.55 -14.72 11.82
C GLN A 244 2.36 -15.14 10.97
N ASN A 245 2.14 -14.45 9.85
CA ASN A 245 1.02 -14.76 8.97
C ASN A 245 1.10 -16.16 8.38
N VAL A 246 2.31 -16.56 7.99
CA VAL A 246 2.53 -17.89 7.43
C VAL A 246 2.22 -18.97 8.47
N ALA A 247 2.68 -18.73 9.70
CA ALA A 247 2.45 -19.68 10.79
C ALA A 247 0.97 -19.86 11.07
N GLU A 248 0.19 -18.80 10.85
CA GLU A 248 -1.25 -18.84 11.10
C GLU A 248 -2.09 -19.25 9.89
N SER A 249 -1.63 -18.92 8.69
CA SER A 249 -2.38 -19.25 7.47
C SER A 249 -1.93 -20.52 6.76
N GLY A 250 -0.71 -20.96 7.03
CA GLY A 250 -0.23 -22.19 6.41
C GLY A 250 0.58 -22.06 5.13
N GLY A 251 1.06 -20.85 4.84
CA GLY A 251 1.86 -20.66 3.64
C GLY A 251 3.34 -20.81 3.92
N SER A 252 4.15 -19.94 3.34
CA SER A 252 5.60 -19.99 3.56
C SER A 252 6.24 -18.67 3.14
N LEU A 253 7.39 -18.37 3.73
CA LEU A 253 8.12 -17.13 3.43
C LEU A 253 9.56 -17.45 3.13
N GLN A 254 10.07 -16.89 2.04
CA GLN A 254 11.44 -17.14 1.62
C GLN A 254 12.04 -15.91 0.92
N VAL A 255 13.31 -15.67 1.16
CA VAL A 255 14.02 -14.56 0.52
C VAL A 255 14.94 -15.17 -0.53
N SER A 256 15.00 -14.55 -1.69
CA SER A 256 15.84 -15.06 -2.77
C SER A 256 16.51 -13.94 -3.54
N HIS A 257 17.71 -14.23 -4.04
CA HIS A 257 18.47 -13.26 -4.83
C HIS A 257 18.70 -13.85 -6.21
N ASP A 258 18.04 -14.97 -6.49
CA ASP A 258 18.16 -15.64 -7.78
C ASP A 258 16.85 -15.54 -8.56
N ILE A 259 16.87 -14.75 -9.62
CA ILE A 259 15.68 -14.53 -10.46
C ILE A 259 14.99 -15.78 -10.99
N ASP A 260 15.73 -16.60 -11.73
CA ASP A 260 15.15 -17.80 -12.33
C ASP A 260 14.48 -18.78 -11.39
N SER A 261 15.10 -19.08 -10.25
CA SER A 261 14.49 -20.01 -9.30
C SER A 261 13.23 -19.42 -8.67
N ALA A 262 13.23 -18.10 -8.48
CA ALA A 262 12.08 -17.42 -7.89
C ALA A 262 10.88 -17.46 -8.84
N TYR A 263 11.09 -17.05 -10.09
CA TYR A 263 10.00 -17.03 -11.08
C TYR A 263 9.45 -18.41 -11.43
N ALA A 264 10.31 -19.42 -11.40
CA ALA A 264 9.91 -20.78 -11.74
C ALA A 264 8.61 -21.26 -11.08
N GLY A 265 7.60 -21.53 -11.90
CA GLY A 265 6.32 -22.02 -11.39
C GLY A 265 5.46 -21.01 -10.65
N ALA A 266 5.85 -19.75 -10.65
CA ALA A 266 5.08 -18.73 -9.95
C ALA A 266 3.68 -18.58 -10.52
N ASP A 267 2.72 -18.30 -9.64
CA ASP A 267 1.33 -18.10 -10.04
C ASP A 267 1.06 -16.60 -10.09
N VAL A 268 1.82 -15.85 -9.30
CA VAL A 268 1.68 -14.40 -9.24
C VAL A 268 3.04 -13.73 -9.13
N VAL A 269 3.20 -12.62 -9.86
CA VAL A 269 4.43 -11.85 -9.82
C VAL A 269 4.02 -10.38 -9.62
N TYR A 270 4.40 -9.82 -8.48
CA TYR A 270 4.10 -8.43 -8.17
C TYR A 270 5.42 -7.71 -8.03
N ALA A 271 5.64 -6.72 -8.89
CA ALA A 271 6.89 -5.98 -8.87
C ALA A 271 6.76 -4.62 -8.21
N LYS A 272 7.85 -4.18 -7.59
CA LYS A 272 7.90 -2.88 -6.94
C LYS A 272 9.37 -2.54 -6.69
N SER A 273 9.74 -1.29 -6.94
CA SER A 273 11.10 -0.85 -6.71
C SER A 273 11.14 -0.10 -5.38
N TRP A 274 12.26 -0.17 -4.67
CA TRP A 274 12.41 0.53 -3.41
C TRP A 274 13.88 0.75 -3.08
N GLY A 275 14.15 1.81 -2.32
CA GLY A 275 15.52 2.13 -1.94
C GLY A 275 15.97 1.25 -0.80
N ALA A 276 17.21 0.77 -0.87
CA ALA A 276 17.75 -0.09 0.18
C ALA A 276 17.73 0.67 1.51
N LEU A 277 17.05 0.11 2.50
CA LEU A 277 16.92 0.73 3.81
C LEU A 277 18.24 1.14 4.47
N PRO A 278 19.28 0.31 4.36
CA PRO A 278 20.54 0.74 4.99
C PRO A 278 21.14 2.02 4.42
N PHE A 279 20.64 2.49 3.28
CA PHE A 279 21.18 3.70 2.67
C PHE A 279 20.36 4.98 2.84
N PHE A 280 19.43 4.99 3.78
CA PHE A 280 18.65 6.21 4.00
C PHE A 280 19.60 7.31 4.44
N GLY A 281 19.44 8.49 3.84
CA GLY A 281 20.30 9.61 4.17
C GLY A 281 21.69 9.48 3.58
N ASN A 282 21.87 8.49 2.72
CA ASN A 282 23.15 8.24 2.08
C ASN A 282 22.91 7.50 0.76
N TRP A 283 22.13 8.12 -0.12
CA TRP A 283 21.77 7.53 -1.40
C TRP A 283 22.82 7.57 -2.51
N GLU A 284 23.85 8.40 -2.36
CA GLU A 284 24.88 8.49 -3.39
C GLU A 284 25.48 7.13 -3.71
N PRO A 285 25.96 6.40 -2.69
CA PRO A 285 26.56 5.08 -2.92
C PRO A 285 25.54 3.99 -3.30
N GLU A 286 24.25 4.27 -3.09
CA GLU A 286 23.21 3.29 -3.42
C GLU A 286 22.91 3.31 -4.92
N LYS A 287 23.20 4.43 -5.57
CA LYS A 287 22.94 4.56 -7.01
C LYS A 287 23.70 3.56 -7.86
N PRO A 288 25.04 3.49 -7.72
CA PRO A 288 25.78 2.52 -8.53
C PRO A 288 25.37 1.08 -8.23
N ILE A 289 24.80 0.86 -7.05
CA ILE A 289 24.37 -0.48 -6.67
C ILE A 289 23.10 -0.87 -7.44
N ARG A 290 22.08 -0.02 -7.39
CA ARG A 290 20.84 -0.33 -8.10
C ARG A 290 21.06 -0.39 -9.61
N ASP A 291 21.98 0.42 -10.12
CA ASP A 291 22.25 0.44 -11.55
C ASP A 291 22.83 -0.86 -12.06
N GLN A 292 23.28 -1.72 -11.15
CA GLN A 292 23.84 -3.01 -11.54
C GLN A 292 22.74 -4.05 -11.67
N TYR A 293 21.52 -3.70 -11.26
CA TYR A 293 20.42 -4.66 -11.33
C TYR A 293 19.26 -4.26 -12.23
N GLN A 294 19.56 -3.54 -13.30
CA GLN A 294 18.52 -3.13 -14.23
C GLN A 294 17.89 -4.37 -14.86
N HIS A 295 18.61 -5.49 -14.81
CA HIS A 295 18.11 -6.74 -15.39
C HIS A 295 16.97 -7.36 -14.59
N PHE A 296 16.58 -6.72 -13.48
CA PHE A 296 15.47 -7.23 -12.69
C PHE A 296 14.14 -6.86 -13.32
N ILE A 297 14.22 -6.14 -14.45
CA ILE A 297 13.04 -5.72 -15.19
C ILE A 297 12.19 -6.95 -15.51
N VAL A 298 10.88 -6.84 -15.30
CA VAL A 298 10.00 -7.97 -15.58
C VAL A 298 9.76 -8.04 -17.10
N ASP A 299 10.32 -9.08 -17.72
CA ASP A 299 10.16 -9.27 -19.16
C ASP A 299 9.53 -10.61 -19.51
N GLU A 300 9.33 -10.84 -20.81
CA GLU A 300 8.72 -12.06 -21.28
C GLU A 300 9.49 -13.32 -20.88
N ARG A 301 10.82 -13.26 -20.94
CA ARG A 301 11.64 -14.40 -20.57
C ARG A 301 11.32 -14.87 -19.16
N LYS A 302 11.34 -13.93 -18.21
CA LYS A 302 11.06 -14.25 -16.83
C LYS A 302 9.64 -14.80 -16.63
N MET A 303 8.65 -14.14 -17.21
CA MET A 303 7.27 -14.59 -17.07
C MET A 303 7.06 -15.96 -17.73
N ALA A 304 7.88 -16.27 -18.74
CA ALA A 304 7.78 -17.54 -19.43
C ALA A 304 8.14 -18.69 -18.49
N LEU A 305 8.87 -18.36 -17.42
CA LEU A 305 9.29 -19.35 -16.44
C LEU A 305 8.18 -19.66 -15.44
N THR A 306 7.18 -18.77 -15.35
CA THR A 306 6.10 -18.95 -14.40
C THR A 306 5.05 -19.95 -14.90
N ASN A 307 4.11 -20.27 -14.02
CA ASN A 307 3.02 -21.19 -14.34
C ASN A 307 1.87 -20.40 -14.94
N ASN A 308 2.13 -19.73 -16.06
CA ASN A 308 1.13 -18.91 -16.73
C ASN A 308 0.60 -17.93 -15.69
N GLY A 309 1.52 -17.43 -14.88
CA GLY A 309 1.15 -16.51 -13.81
C GLY A 309 0.77 -15.11 -14.26
N VAL A 310 0.06 -14.42 -13.37
CA VAL A 310 -0.36 -13.06 -13.63
C VAL A 310 0.70 -12.09 -13.12
N PHE A 311 0.67 -10.88 -13.66
CA PHE A 311 1.60 -9.84 -13.27
C PHE A 311 0.81 -8.60 -12.91
N SER A 312 1.28 -7.86 -11.92
CA SER A 312 0.62 -6.62 -11.55
C SER A 312 1.64 -5.69 -10.92
N HIS A 313 1.23 -4.42 -10.80
CA HIS A 313 2.06 -3.38 -10.21
C HIS A 313 1.06 -2.37 -9.69
N CYS A 314 1.42 -1.70 -8.60
CA CYS A 314 0.55 -0.71 -7.97
C CYS A 314 0.35 0.55 -8.81
N LEU A 315 1.29 0.81 -9.71
CA LEU A 315 1.29 2.00 -10.56
C LEU A 315 1.62 3.21 -9.70
N PRO A 316 2.23 4.26 -10.28
CA PRO A 316 2.62 4.44 -11.68
C PRO A 316 3.83 3.59 -12.05
N LEU A 317 3.84 3.08 -13.28
CA LEU A 317 4.93 2.23 -13.75
C LEU A 317 5.67 2.76 -14.98
N ARG A 318 7.00 2.81 -14.88
CA ARG A 318 7.83 3.26 -15.98
C ARG A 318 8.02 2.10 -16.95
N ARG A 319 7.41 2.22 -18.13
CA ARG A 319 7.49 1.17 -19.14
C ARG A 319 8.90 0.96 -19.66
N ASN A 320 9.23 -0.32 -19.83
CA ASN A 320 10.54 -0.75 -20.32
C ASN A 320 11.66 -0.47 -19.34
N VAL A 321 11.30 -0.30 -18.08
CA VAL A 321 12.26 -0.06 -17.01
C VAL A 321 11.89 -1.01 -15.88
N ALA A 323 9.00 -2.95 -16.14
CA ALA A 323 8.44 -4.07 -16.88
C ALA A 323 8.38 -3.66 -18.34
N THR A 324 8.61 -4.60 -19.25
CA THR A 324 8.57 -4.29 -20.68
C THR A 324 7.14 -4.10 -21.17
N ASP A 325 7.00 -3.42 -22.30
CA ASP A 325 5.69 -3.17 -22.90
C ASP A 325 4.93 -4.49 -23.09
N ALA A 326 5.65 -5.52 -23.56
CA ALA A 326 5.05 -6.83 -23.79
C ALA A 326 4.40 -7.41 -22.55
N VAL A 327 5.08 -7.26 -21.40
CA VAL A 327 4.54 -7.77 -20.15
C VAL A 327 3.36 -6.91 -19.69
N MET A 328 3.53 -5.60 -19.77
CA MET A 328 2.47 -4.67 -19.36
C MET A 328 1.19 -4.81 -20.16
N ASP A 329 1.32 -5.08 -21.46
CA ASP A 329 0.13 -5.22 -22.29
C ASP A 329 -0.32 -6.66 -22.49
N SER A 330 0.31 -7.57 -21.78
CA SER A 330 -0.04 -8.98 -21.85
C SER A 330 -1.41 -9.22 -21.23
N PRO A 331 -2.16 -10.20 -21.76
CA PRO A 331 -3.49 -10.47 -21.20
C PRO A 331 -3.38 -10.96 -19.75
N ASN A 332 -2.17 -11.29 -19.33
CA ASN A 332 -1.92 -11.77 -17.97
C ASN A 332 -1.62 -10.63 -17.00
N CYS A 333 -1.62 -9.40 -17.49
CA CYS A 333 -1.36 -8.25 -16.62
C CYS A 333 -2.70 -7.75 -16.09
N ILE A 334 -2.86 -7.76 -14.77
CA ILE A 334 -4.11 -7.33 -14.15
C ILE A 334 -4.02 -6.00 -13.41
N ALA A 335 -2.96 -5.25 -13.70
CA ALA A 335 -2.74 -3.97 -13.04
C ALA A 335 -3.92 -2.99 -13.15
N ILE A 336 -4.62 -2.98 -14.29
CA ILE A 336 -5.73 -2.04 -14.44
C ILE A 336 -6.91 -2.49 -13.58
N ASP A 337 -7.10 -3.81 -13.44
CA ASP A 337 -8.18 -4.32 -12.62
C ASP A 337 -7.90 -4.04 -11.15
N GLU A 338 -6.63 -4.20 -10.75
CA GLU A 338 -6.24 -3.93 -9.37
C GLU A 338 -6.45 -2.44 -9.12
N ALA A 339 -6.13 -1.62 -10.12
CA ALA A 339 -6.30 -0.18 -10.00
C ALA A 339 -7.78 0.15 -9.78
N GLU A 340 -8.65 -0.44 -10.60
CA GLU A 340 -10.08 -0.17 -10.43
C GLU A 340 -10.52 -0.53 -9.02
N ASN A 341 -10.06 -1.67 -8.52
CA ASN A 341 -10.47 -2.13 -7.20
C ASN A 341 -10.15 -1.21 -6.03
N ARG A 342 -9.28 -0.23 -6.25
CA ARG A 342 -8.99 0.74 -5.18
C ARG A 342 -10.30 1.43 -4.82
N LEU A 343 -11.12 1.70 -5.84
CA LEU A 343 -12.41 2.36 -5.62
C LEU A 343 -13.33 1.52 -4.73
N HIS A 344 -13.48 0.26 -5.10
CA HIS A 344 -14.37 -0.66 -4.38
C HIS A 344 -13.96 -1.00 -2.95
N VAL A 345 -12.67 -1.27 -2.74
CA VAL A 345 -12.21 -1.60 -1.40
C VAL A 345 -12.25 -0.40 -0.46
N GLN A 346 -11.97 0.79 -1.00
CA GLN A 346 -12.00 1.98 -0.15
C GLN A 346 -13.42 2.30 0.28
N LYS A 347 -14.40 2.01 -0.58
CA LYS A 347 -15.78 2.25 -0.22
C LYS A 347 -16.14 1.28 0.92
N ALA A 348 -15.67 0.03 0.81
CA ALA A 348 -15.93 -0.96 1.86
C ALA A 348 -15.31 -0.51 3.19
N ILE A 349 -14.11 0.06 3.12
CA ILE A 349 -13.41 0.53 4.31
C ILE A 349 -14.17 1.69 4.96
N MET A 350 -14.52 2.71 4.17
CA MET A 350 -15.25 3.85 4.71
C MET A 350 -16.58 3.43 5.30
N ALA A 351 -17.33 2.58 4.59
CA ALA A 351 -18.63 2.12 5.07
C ALA A 351 -18.49 1.35 6.38
N ALA A 352 -17.42 0.58 6.52
CA ALA A 352 -17.21 -0.20 7.73
C ALA A 352 -16.87 0.67 8.94
N LEU A 353 -16.12 1.74 8.71
CA LEU A 353 -15.69 2.62 9.79
C LEU A 353 -16.75 3.59 10.31
N VAL A 354 -17.74 3.93 9.47
CA VAL A 354 -18.77 4.85 9.96
C VAL A 354 -19.85 4.04 10.67
#